data_2DH2
#
_entry.id   2DH2
#
_cell.length_a   39.674
_cell.length_b   67.846
_cell.length_c   73.949
_cell.angle_alpha   90.00
_cell.angle_beta   98.49
_cell.angle_gamma   90.00
#
_symmetry.space_group_name_H-M   'P 1 21 1'
#
loop_
_entity.id
_entity.type
_entity.pdbx_description
1 polymer '4F2 cell-surface antigen heavy chain'
2 non-polymer 'ACETATE ION'
3 water water
#
_entity_poly.entity_id   1
_entity_poly.type   'polypeptide(L)'
_entity_poly.pdbx_seq_one_letter_code
;DRWGSELPAQKWWHTGALYRIGDLQAFQGHGAGNLAGLKGRLDYLSSLKVKGLVLGPIHKNQKDDVAQTDLLQIDPNFGS
KEDFDSLLQSAKKKSIRVILDLTPNYRGENSWFSTQVDTVATKVKDALEFWLQAGVDGFQVRDIENLKDASSFLAEWQNI
TKGFSEDRLLIAGTNSSDLQQILSLLESNKDLLLTSSYLSDSGSTGEHTKSLVTQYLNATGNRWCSWSLSQARLLTSFLP
AQLLRLYQL(MSE)LFTLPGTPVFSYGDEIGLDAAALPGQP(MSE)EAPV(MSE)LWDESSFPDIPGAVSAN(MSE)TVK
GQSEDPGSLLSLFRRLSDQRSKERSLLHGDFHAFSAGPGLFSYIRHWDQNERFLVVLNFGDVGLSAGLQASDLPASASLP
AKADLLLSTQPGREEGSPLELERLKLEPHEGLLLRFPYAA
;
_entity_poly.pdbx_strand_id   A
#
loop_
_chem_comp.id
_chem_comp.type
_chem_comp.name
_chem_comp.formula
ACT non-polymer 'ACETATE ION' 'C2 H3 O2 -1'
#
# COMPACT_ATOMS: atom_id res chain seq x y z
N GLY A 4 -2.37 -3.54 -25.29
CA GLY A 4 -3.00 -2.41 -26.07
C GLY A 4 -2.23 -1.90 -27.29
N SER A 5 -0.93 -2.13 -27.32
CA SER A 5 0.00 -1.58 -28.33
C SER A 5 -0.04 -0.04 -28.48
N GLU A 6 -0.46 0.65 -27.42
CA GLU A 6 -0.28 2.10 -27.31
C GLU A 6 0.00 2.40 -25.83
N LEU A 7 1.14 3.04 -25.56
CA LEU A 7 1.69 3.17 -24.20
C LEU A 7 0.94 4.18 -23.32
N PRO A 8 0.49 3.73 -22.12
CA PRO A 8 -0.21 4.61 -21.18
C PRO A 8 0.64 5.80 -20.67
N ALA A 9 0.03 6.98 -20.68
CA ALA A 9 0.55 8.13 -19.92
C ALA A 9 0.14 7.93 -18.46
N GLN A 10 1.00 7.23 -17.73
CA GLN A 10 0.69 6.85 -16.35
C GLN A 10 0.88 8.03 -15.41
N LYS A 11 0.02 8.07 -14.40
CA LYS A 11 0.17 8.99 -13.29
C LYS A 11 1.24 8.46 -12.32
N TRP A 12 1.80 9.35 -11.52
CA TRP A 12 2.90 8.97 -10.64
C TRP A 12 2.51 7.86 -9.68
N TRP A 13 1.26 7.87 -9.23
CA TRP A 13 0.78 6.90 -8.26
C TRP A 13 0.49 5.52 -8.85
N HIS A 14 0.47 5.38 -10.17
CA HIS A 14 0.37 4.07 -10.84
C HIS A 14 1.72 3.36 -10.84
N THR A 15 2.80 4.08 -10.57
CA THR A 15 4.15 3.59 -10.84
C THR A 15 4.82 2.86 -9.69
N GLY A 16 4.11 2.70 -8.55
CA GLY A 16 4.63 1.93 -7.44
C GLY A 16 3.84 2.14 -6.16
N ALA A 17 4.46 1.79 -5.03
CA ALA A 17 3.76 1.75 -3.74
C ALA A 17 3.67 3.13 -3.11
N LEU A 18 2.60 3.30 -2.32
CA LEU A 18 2.39 4.40 -1.41
C LEU A 18 2.66 3.86 0.00
N TYR A 19 3.18 4.72 0.84
CA TYR A 19 3.71 4.35 2.15
C TYR A 19 3.13 5.29 3.17
N ARG A 20 2.35 4.75 4.08
CA ARG A 20 1.63 5.59 5.03
C ARG A 20 2.41 5.81 6.35
N ILE A 21 2.65 7.09 6.66
CA ILE A 21 3.29 7.51 7.90
C ILE A 21 2.29 8.32 8.73
N GLY A 22 1.53 7.61 9.54
CA GLY A 22 0.51 8.25 10.35
C GLY A 22 0.95 8.85 11.68
N ASP A 23 2.13 8.48 12.17
CA ASP A 23 2.68 9.01 13.42
C ASP A 23 4.15 9.31 13.19
N LEU A 24 4.46 10.61 13.07
CA LEU A 24 5.82 11.10 12.83
C LEU A 24 6.79 10.79 13.94
N GLN A 25 6.30 10.85 15.16
CA GLN A 25 7.07 10.55 16.36
C GLN A 25 7.46 9.09 16.39
N ALA A 26 6.47 8.21 16.27
CA ALA A 26 6.71 6.75 16.28
C ALA A 26 7.59 6.28 15.14
N PHE A 27 7.43 6.87 13.95
CA PHE A 27 8.22 6.51 12.77
C PHE A 27 9.68 6.90 12.91
N GLN A 28 9.93 8.08 13.46
CA GLN A 28 11.30 8.60 13.53
C GLN A 28 11.96 8.35 14.86
N GLY A 29 11.18 8.42 15.94
CA GLY A 29 11.67 8.19 17.31
C GLY A 29 11.78 9.45 18.18
N HIS A 30 12.21 9.25 19.43
CA HIS A 30 12.39 10.33 20.43
C HIS A 30 13.39 11.41 19.99
N GLY A 31 12.94 12.67 19.99
CA GLY A 31 13.81 13.83 19.70
C GLY A 31 13.57 14.43 18.32
N ALA A 32 12.98 13.64 17.40
CA ALA A 32 12.86 14.05 16.01
C ALA A 32 11.51 13.67 15.41
N GLY A 33 10.46 13.78 16.22
CA GLY A 33 9.12 13.51 15.75
C GLY A 33 8.50 14.71 15.08
N ASN A 34 9.22 15.28 14.10
CA ASN A 34 8.84 16.50 13.40
C ASN A 34 9.14 16.39 11.90
N LEU A 35 8.72 17.39 11.13
CA LEU A 35 8.80 17.33 9.67
C LEU A 35 10.23 17.35 9.18
N ALA A 36 11.07 18.13 9.87
CA ALA A 36 12.51 18.21 9.62
C ALA A 36 13.18 16.85 9.73
N GLY A 37 12.91 16.14 10.82
CA GLY A 37 13.43 14.81 11.03
C GLY A 37 13.09 13.80 9.96
N LEU A 38 11.90 13.92 9.39
CA LEU A 38 11.47 13.04 8.29
C LEU A 38 12.37 13.14 7.07
N LYS A 39 12.88 14.33 6.76
CA LYS A 39 13.87 14.49 5.69
C LYS A 39 15.05 13.57 5.87
N GLY A 40 15.44 13.35 7.12
CA GLY A 40 16.49 12.41 7.41
C GLY A 40 16.17 10.96 7.06
N ARG A 41 14.91 10.65 6.79
CA ARG A 41 14.52 9.27 6.39
C ARG A 41 14.20 9.08 4.90
N LEU A 42 14.33 10.15 4.11
CA LEU A 42 14.00 10.13 2.70
C LEU A 42 14.95 9.23 1.91
N ASP A 43 16.21 9.13 2.31
CA ASP A 43 17.11 8.17 1.65
C ASP A 43 16.65 6.73 1.92
N TYR A 44 16.14 6.48 3.11
CA TYR A 44 15.63 5.13 3.40
C TYR A 44 14.41 4.82 2.55
N LEU A 45 13.48 5.76 2.50
CA LEU A 45 12.25 5.57 1.73
C LEU A 45 12.53 5.42 0.25
N SER A 46 13.52 6.15 -0.23
CA SER A 46 14.01 6.04 -1.58
C SER A 46 14.52 4.61 -1.86
N SER A 47 15.19 4.00 -0.90
CA SER A 47 15.67 2.61 -1.04
C SER A 47 14.54 1.59 -1.10
N LEU A 48 13.34 1.97 -0.62
CA LEU A 48 12.16 1.15 -0.72
C LEU A 48 11.47 1.32 -2.09
N LYS A 49 11.87 2.34 -2.85
CA LYS A 49 11.29 2.70 -4.14
C LYS A 49 9.82 3.15 -4.03
N VAL A 50 9.39 3.60 -2.86
CA VAL A 50 7.99 4.01 -2.69
C VAL A 50 7.77 5.35 -3.46
N LYS A 51 6.61 5.52 -4.05
CA LYS A 51 6.36 6.64 -4.95
C LYS A 51 5.72 7.82 -4.26
N GLY A 52 5.10 7.58 -3.12
CA GLY A 52 4.53 8.65 -2.34
C GLY A 52 4.43 8.27 -0.90
N LEU A 53 4.58 9.28 -0.05
CA LEU A 53 4.36 9.21 1.37
C LEU A 53 3.00 9.80 1.72
N VAL A 54 2.26 9.09 2.55
CA VAL A 54 0.96 9.60 3.04
C VAL A 54 1.22 10.04 4.47
N LEU A 55 1.28 11.36 4.65
CA LEU A 55 1.70 11.96 5.90
C LEU A 55 0.56 12.50 6.77
N GLY A 56 0.63 12.19 8.07
CA GLY A 56 -0.18 12.86 9.05
C GLY A 56 -1.45 12.13 9.44
N PRO A 57 -2.49 12.88 9.86
CA PRO A 57 -2.55 14.35 9.84
C PRO A 57 -1.54 15.04 10.76
N ILE A 58 -1.31 16.33 10.48
CA ILE A 58 -0.35 17.14 11.24
C ILE A 58 -0.93 18.47 11.66
N HIS A 59 -2.25 18.65 11.50
CA HIS A 59 -2.83 19.94 11.73
C HIS A 59 -3.26 20.11 13.17
N LYS A 60 -3.59 21.34 13.52
CA LYS A 60 -4.07 21.66 14.85
C LYS A 60 -5.46 21.08 15.03
N ASN A 61 -5.63 20.25 16.07
CA ASN A 61 -6.88 19.55 16.33
C ASN A 61 -7.10 19.33 17.82
N GLN A 62 -7.82 20.25 18.45
CA GLN A 62 -8.26 20.07 19.81
C GLN A 62 -9.36 19.03 19.79
N LYS A 63 -9.13 17.95 20.54
CA LYS A 63 -9.98 16.76 20.48
C LYS A 63 -11.46 17.15 20.56
N ASP A 64 -12.18 16.85 19.49
CA ASP A 64 -13.64 17.01 19.42
C ASP A 64 -14.12 18.46 19.49
N ASP A 65 -13.24 19.40 19.13
CA ASP A 65 -13.57 20.82 19.25
C ASP A 65 -13.43 21.41 17.85
N VAL A 66 -14.57 21.62 17.19
CA VAL A 66 -14.60 22.05 15.80
C VAL A 66 -13.96 23.43 15.67
N ALA A 67 -14.30 24.33 16.58
CA ALA A 67 -13.78 25.69 16.60
C ALA A 67 -12.28 25.70 16.85
N GLN A 68 -11.82 24.78 17.70
CA GLN A 68 -10.39 24.64 18.01
C GLN A 68 -9.66 23.65 17.13
N THR A 69 -10.12 23.49 15.89
CA THR A 69 -9.45 22.62 14.94
C THR A 69 -9.25 23.41 13.67
N ASP A 70 -8.01 23.40 13.15
CA ASP A 70 -7.64 24.24 12.01
C ASP A 70 -6.72 23.52 11.07
N LEU A 71 -7.26 23.13 9.91
CA LEU A 71 -6.48 22.29 8.98
C LEU A 71 -5.49 23.09 8.15
N LEU A 72 -5.50 24.42 8.29
CA LEU A 72 -4.50 25.31 7.67
C LEU A 72 -3.24 25.52 8.54
N GLN A 73 -3.30 25.12 9.80
CA GLN A 73 -2.20 25.27 10.75
C GLN A 73 -1.59 23.95 11.13
N ILE A 74 -0.27 23.87 11.04
CA ILE A 74 0.48 22.70 11.47
C ILE A 74 0.57 22.75 12.99
N ASP A 75 0.31 21.62 13.63
CA ASP A 75 0.51 21.51 15.06
C ASP A 75 2.01 21.76 15.32
N PRO A 76 2.36 22.74 16.18
CA PRO A 76 3.77 23.12 16.37
C PRO A 76 4.68 22.01 16.82
N ASN A 77 4.12 20.98 17.45
CA ASN A 77 4.91 19.78 17.75
C ASN A 77 5.58 19.12 16.57
N PHE A 78 5.02 19.27 15.37
CA PHE A 78 5.59 18.69 14.18
C PHE A 78 6.45 19.66 13.37
N GLY A 79 6.58 20.91 13.81
CA GLY A 79 7.37 21.90 13.08
C GLY A 79 6.58 22.98 12.40
N SER A 80 7.26 23.71 11.50
CA SER A 80 6.72 24.91 10.86
C SER A 80 6.33 24.64 9.42
N LYS A 81 5.70 25.63 8.82
CA LYS A 81 5.36 25.59 7.41
C LYS A 81 6.63 25.55 6.56
N GLU A 82 7.69 26.24 7.00
CA GLU A 82 8.96 26.21 6.28
C GLU A 82 9.52 24.80 6.28
N ASP A 83 9.32 24.07 7.39
CA ASP A 83 9.82 22.70 7.51
C ASP A 83 9.08 21.82 6.53
N PHE A 84 7.78 22.03 6.43
CA PHE A 84 6.96 21.31 5.50
C PHE A 84 7.42 21.59 4.06
N ASP A 85 7.66 22.87 3.75
CA ASP A 85 8.14 23.29 2.42
C ASP A 85 9.46 22.60 2.07
N SER A 86 10.38 22.59 3.02
CA SER A 86 11.69 21.97 2.81
C SER A 86 11.58 20.42 2.69
N LEU A 87 10.68 19.80 3.44
CA LEU A 87 10.44 18.36 3.30
C LEU A 87 9.94 18.06 1.87
N LEU A 88 8.92 18.80 1.46
CA LEU A 88 8.36 18.64 0.12
C LEU A 88 9.44 18.72 -0.95
N GLN A 89 10.29 19.74 -0.84
CA GLN A 89 11.33 19.97 -1.80
C GLN A 89 12.35 18.83 -1.84
N SER A 90 12.76 18.30 -0.69
CA SER A 90 13.71 17.17 -0.65
C SER A 90 13.09 15.89 -1.16
N ALA A 91 11.82 15.73 -0.87
CA ALA A 91 11.08 14.57 -1.29
C ALA A 91 10.96 14.54 -2.81
N LYS A 92 10.55 15.67 -3.38
CA LYS A 92 10.42 15.79 -4.85
C LYS A 92 11.76 15.49 -5.53
N LYS A 93 12.82 16.05 -4.96
CA LYS A 93 14.18 15.79 -5.41
C LYS A 93 14.49 14.29 -5.52
N LYS A 94 13.99 13.50 -4.59
CA LYS A 94 14.19 12.06 -4.62
C LYS A 94 13.07 11.29 -5.32
N SER A 95 12.23 12.00 -6.07
CA SER A 95 11.13 11.39 -6.83
C SER A 95 10.09 10.78 -5.92
N ILE A 96 9.92 11.39 -4.75
CA ILE A 96 8.93 10.90 -3.82
C ILE A 96 7.90 11.99 -3.59
N ARG A 97 6.65 11.67 -3.87
CA ARG A 97 5.60 12.63 -3.80
C ARG A 97 4.96 12.59 -2.41
N VAL A 98 4.26 13.65 -2.05
CA VAL A 98 3.74 13.78 -0.69
C VAL A 98 2.22 13.98 -0.69
N ILE A 99 1.53 13.11 0.03
CA ILE A 99 0.08 13.16 0.20
C ILE A 99 -0.17 13.54 1.66
N LEU A 100 -1.01 14.54 1.87
CA LEU A 100 -1.31 15.01 3.21
C LEU A 100 -2.68 14.51 3.66
N ASP A 101 -2.70 13.86 4.80
CA ASP A 101 -3.90 13.38 5.40
C ASP A 101 -4.54 14.53 6.19
N LEU A 102 -5.79 14.84 5.83
CA LEU A 102 -6.57 15.94 6.41
C LEU A 102 -7.79 15.47 7.19
N THR A 103 -7.81 14.20 7.58
CA THR A 103 -8.87 13.70 8.45
C THR A 103 -8.99 14.65 9.66
N PRO A 104 -10.15 15.32 9.82
CA PRO A 104 -10.21 16.53 10.67
C PRO A 104 -9.99 16.30 12.19
N ASN A 105 -10.79 15.43 12.79
CA ASN A 105 -10.74 15.21 14.23
C ASN A 105 -9.94 13.93 14.53
N TYR A 106 -8.75 13.87 13.97
CA TYR A 106 -7.91 12.72 14.05
C TYR A 106 -7.41 12.43 15.46
N ARG A 107 -7.51 13.39 16.38
CA ARG A 107 -7.14 13.13 17.76
C ARG A 107 -8.34 12.59 18.55
N GLY A 108 -9.54 12.67 17.99
CA GLY A 108 -10.72 12.17 18.66
C GLY A 108 -11.20 10.84 18.13
N GLU A 109 -12.37 10.44 18.60
CA GLU A 109 -12.97 9.15 18.23
C GLU A 109 -13.78 9.21 16.93
N ASN A 110 -14.70 10.16 16.79
CA ASN A 110 -15.29 10.40 15.47
C ASN A 110 -14.41 11.38 14.73
N SER A 111 -13.66 10.85 13.75
CA SER A 111 -12.81 11.65 12.86
C SER A 111 -13.51 12.80 12.15
N TRP A 112 -14.84 12.76 12.08
CA TRP A 112 -15.60 13.74 11.34
C TRP A 112 -16.40 14.66 12.28
N PHE A 113 -16.15 14.54 13.58
CA PHE A 113 -16.91 15.25 14.61
C PHE A 113 -18.35 14.76 14.63
N SER A 114 -19.05 15.00 15.74
CA SER A 114 -20.46 14.61 15.87
C SER A 114 -21.39 15.79 15.51
N THR A 115 -20.93 17.00 15.86
CA THR A 115 -21.55 18.27 15.45
C THR A 115 -21.36 18.47 13.96
N GLN A 116 -22.43 18.93 13.31
CA GLN A 116 -22.71 18.59 11.91
C GLN A 116 -21.74 19.15 10.86
N VAL A 117 -21.94 18.60 9.67
CA VAL A 117 -20.89 18.34 8.72
C VAL A 117 -20.40 19.55 7.90
N ASP A 118 -21.30 20.46 7.53
CA ASP A 118 -20.93 21.45 6.50
C ASP A 118 -19.79 22.37 6.95
N THR A 119 -19.79 22.76 8.22
CA THR A 119 -18.71 23.59 8.76
C THR A 119 -17.39 22.80 8.73
N VAL A 120 -17.45 21.53 9.11
CA VAL A 120 -16.31 20.61 9.04
C VAL A 120 -15.84 20.30 7.61
N ALA A 121 -16.78 20.05 6.70
CA ALA A 121 -16.45 19.80 5.29
C ALA A 121 -15.91 21.06 4.62
N THR A 122 -16.40 22.22 5.04
CA THR A 122 -15.84 23.50 4.60
C THR A 122 -14.38 23.67 5.03
N LYS A 123 -14.04 23.22 6.23
CA LYS A 123 -12.65 23.21 6.68
C LYS A 123 -11.75 22.45 5.71
N VAL A 124 -12.19 21.24 5.32
CA VAL A 124 -11.45 20.39 4.38
C VAL A 124 -11.30 21.10 3.03
N LYS A 125 -12.41 21.61 2.50
CA LYS A 125 -12.41 22.32 1.22
C LYS A 125 -11.41 23.49 1.19
N ASP A 126 -11.48 24.39 2.16
CA ASP A 126 -10.54 25.53 2.22
C ASP A 126 -9.09 25.07 2.36
N ALA A 127 -8.87 23.97 3.07
CA ALA A 127 -7.54 23.45 3.27
C ALA A 127 -6.96 22.85 1.98
N LEU A 128 -7.79 22.25 1.14
CA LEU A 128 -7.27 21.66 -0.12
C LEU A 128 -6.58 22.74 -0.98
N GLU A 129 -7.24 23.90 -1.15
CA GLU A 129 -6.71 24.98 -1.99
C GLU A 129 -5.37 25.47 -1.39
N PHE A 130 -5.35 25.71 -0.08
CA PHE A 130 -4.14 26.15 0.62
C PHE A 130 -2.94 25.22 0.41
N TRP A 131 -3.14 23.93 0.66
CA TRP A 131 -2.04 22.94 0.61
C TRP A 131 -1.66 22.62 -0.84
N LEU A 132 -2.63 22.62 -1.75
CA LEU A 132 -2.33 22.56 -3.18
C LEU A 132 -1.35 23.69 -3.62
N GLN A 133 -1.64 24.95 -3.27
CA GLN A 133 -0.70 26.04 -3.57
C GLN A 133 0.68 25.84 -2.92
N ALA A 134 0.73 25.19 -1.76
CA ALA A 134 2.01 24.86 -1.10
C ALA A 134 2.77 23.74 -1.78
N GLY A 135 2.09 22.99 -2.65
CA GLY A 135 2.72 22.01 -3.51
C GLY A 135 2.54 20.55 -3.15
N VAL A 136 1.59 20.23 -2.27
CA VAL A 136 1.32 18.82 -1.94
C VAL A 136 0.80 18.11 -3.19
N ASP A 137 1.17 16.83 -3.32
CA ASP A 137 0.78 16.06 -4.47
C ASP A 137 -0.61 15.43 -4.30
N GLY A 138 -1.24 15.67 -3.16
CA GLY A 138 -2.57 15.08 -2.93
C GLY A 138 -2.93 14.94 -1.47
N PHE A 139 -4.05 14.27 -1.22
CA PHE A 139 -4.66 14.22 0.10
C PHE A 139 -5.25 12.86 0.41
N GLN A 140 -5.34 12.56 1.71
CA GLN A 140 -6.08 11.40 2.18
C GLN A 140 -7.03 11.82 3.25
N VAL A 141 -8.23 11.22 3.21
CA VAL A 141 -9.22 11.37 4.26
C VAL A 141 -9.71 9.96 4.64
N ARG A 142 -9.67 9.67 5.93
CA ARG A 142 -9.94 8.34 6.45
C ARG A 142 -11.29 8.26 7.15
N ASP A 143 -11.72 7.05 7.51
CA ASP A 143 -12.99 6.85 8.24
C ASP A 143 -14.20 7.45 7.52
N ILE A 144 -14.18 7.43 6.18
CA ILE A 144 -15.25 8.12 5.44
C ILE A 144 -16.64 7.52 5.65
N GLU A 145 -16.71 6.29 6.16
CA GLU A 145 -17.98 5.67 6.51
C GLU A 145 -18.71 6.51 7.54
N ASN A 146 -17.93 7.24 8.36
CA ASN A 146 -18.47 8.18 9.34
C ASN A 146 -18.75 9.59 8.79
N LEU A 147 -18.57 9.82 7.50
CA LEU A 147 -18.87 11.14 6.92
C LEU A 147 -20.24 11.12 6.26
N LYS A 148 -21.18 11.88 6.80
CA LYS A 148 -22.51 11.95 6.20
C LYS A 148 -22.31 12.54 4.80
N ASP A 149 -22.88 11.86 3.78
CA ASP A 149 -22.85 12.35 2.41
C ASP A 149 -21.44 12.19 1.80
N ALA A 150 -20.74 11.12 2.21
CA ALA A 150 -19.38 10.90 1.85
C ALA A 150 -19.17 10.99 0.33
N SER A 151 -20.00 10.29 -0.45
CA SER A 151 -19.78 10.22 -1.91
C SER A 151 -19.84 11.60 -2.57
N SER A 152 -20.75 12.46 -2.08
CA SER A 152 -20.84 13.86 -2.51
C SER A 152 -19.61 14.69 -2.15
N PHE A 153 -19.20 14.65 -0.89
CA PHE A 153 -18.03 15.40 -0.43
C PHE A 153 -16.77 14.92 -1.12
N LEU A 154 -16.60 13.61 -1.27
CA LEU A 154 -15.44 13.07 -1.96
C LEU A 154 -15.34 13.49 -3.43
N ALA A 155 -16.47 13.47 -4.13
CA ALA A 155 -16.53 13.97 -5.51
C ALA A 155 -16.11 15.44 -5.57
N GLU A 156 -16.66 16.26 -4.70
CA GLU A 156 -16.28 17.67 -4.68
C GLU A 156 -14.79 17.85 -4.42
N TRP A 157 -14.27 17.18 -3.39
CA TRP A 157 -12.85 17.32 -3.02
C TRP A 157 -11.93 16.78 -4.09
N GLN A 158 -12.32 15.68 -4.74
CA GLN A 158 -11.60 15.14 -5.91
C GLN A 158 -11.55 16.17 -7.08
N ASN A 159 -12.66 16.86 -7.30
CA ASN A 159 -12.73 17.85 -8.37
C ASN A 159 -11.89 19.11 -8.11
N ILE A 160 -11.82 19.52 -6.84
CA ILE A 160 -10.94 20.62 -6.44
C ILE A 160 -9.49 20.20 -6.70
N THR A 161 -9.15 18.98 -6.30
CA THR A 161 -7.79 18.47 -6.47
C THR A 161 -7.35 18.35 -7.91
N LYS A 162 -8.22 17.73 -8.72
CA LYS A 162 -7.92 17.45 -10.14
C LYS A 162 -7.99 18.72 -10.99
N GLY A 163 -8.93 19.62 -10.67
CA GLY A 163 -8.95 20.98 -11.19
C GLY A 163 -7.67 21.77 -10.98
N PHE A 164 -7.00 21.58 -9.85
CA PHE A 164 -5.70 22.22 -9.65
C PHE A 164 -4.67 21.61 -10.59
N SER A 165 -4.63 20.29 -10.63
CA SER A 165 -3.76 19.57 -11.55
C SER A 165 -4.15 18.10 -11.61
N GLU A 166 -4.08 17.56 -12.83
CA GLU A 166 -4.36 16.16 -13.15
C GLU A 166 -3.33 15.24 -12.50
N ASP A 167 -2.20 15.79 -12.09
CA ASP A 167 -1.15 15.01 -11.47
C ASP A 167 -1.26 14.99 -9.94
N ARG A 168 -2.40 15.40 -9.39
CA ARG A 168 -2.64 15.31 -7.96
C ARG A 168 -3.77 14.34 -7.69
N LEU A 169 -3.83 13.74 -6.51
CA LEU A 169 -5.01 12.95 -6.21
C LEU A 169 -5.49 12.91 -4.77
N LEU A 170 -6.70 12.35 -4.68
CA LEU A 170 -7.39 12.13 -3.44
C LEU A 170 -7.49 10.62 -3.20
N ILE A 171 -7.09 10.21 -2.00
CA ILE A 171 -7.26 8.85 -1.46
C ILE A 171 -8.30 8.91 -0.35
N ALA A 172 -9.24 7.98 -0.35
CA ALA A 172 -10.17 7.89 0.77
C ALA A 172 -9.91 6.56 1.46
N GLY A 173 -10.07 6.55 2.77
CA GLY A 173 -9.94 5.31 3.52
C GLY A 173 -11.22 5.02 4.24
N THR A 174 -11.58 3.74 4.31
CA THR A 174 -12.74 3.30 5.09
C THR A 174 -12.41 2.10 6.00
N ASN A 175 -13.16 1.97 7.10
CA ASN A 175 -13.07 0.78 7.96
C ASN A 175 -13.85 -0.39 7.41
N SER A 176 -14.78 -0.11 6.49
CA SER A 176 -15.65 -1.12 5.94
C SER A 176 -14.92 -2.25 5.22
N SER A 177 -15.43 -3.47 5.38
CA SER A 177 -14.97 -4.63 4.63
C SER A 177 -16.03 -5.07 3.64
N ASP A 178 -17.10 -4.29 3.52
CA ASP A 178 -18.24 -4.68 2.70
C ASP A 178 -18.18 -4.16 1.26
N LEU A 179 -18.09 -5.09 0.31
CA LEU A 179 -18.00 -4.73 -1.10
C LEU A 179 -19.16 -3.84 -1.54
N GLN A 180 -20.37 -4.16 -1.10
CA GLN A 180 -21.55 -3.40 -1.52
C GLN A 180 -21.47 -1.96 -1.01
N GLN A 181 -20.97 -1.79 0.21
CA GLN A 181 -20.80 -0.48 0.81
C GLN A 181 -19.66 0.24 0.12
N ILE A 182 -18.59 -0.50 -0.14
CA ILE A 182 -17.42 0.04 -0.81
C ILE A 182 -17.79 0.57 -2.21
N LEU A 183 -18.51 -0.23 -2.99
CA LEU A 183 -18.91 0.16 -4.34
C LEU A 183 -19.86 1.37 -4.36
N SER A 184 -20.66 1.56 -3.31
CA SER A 184 -21.53 2.75 -3.26
C SER A 184 -20.66 4.01 -3.06
N LEU A 185 -19.59 3.87 -2.29
CA LEU A 185 -18.60 4.94 -2.10
C LEU A 185 -17.89 5.31 -3.41
N LEU A 186 -17.62 4.33 -4.28
CA LEU A 186 -16.95 4.58 -5.56
C LEU A 186 -17.94 4.98 -6.66
N GLU A 187 -19.23 4.98 -6.35
CA GLU A 187 -20.24 5.20 -7.37
C GLU A 187 -20.14 6.57 -8.01
N SER A 188 -20.18 7.61 -7.19
CA SER A 188 -20.13 8.98 -7.70
C SER A 188 -18.69 9.45 -7.87
N ASN A 189 -17.73 8.54 -7.74
CA ASN A 189 -16.33 8.90 -7.57
C ASN A 189 -15.41 8.01 -8.41
N LYS A 190 -15.35 8.29 -9.71
CA LYS A 190 -14.58 7.52 -10.69
C LYS A 190 -13.07 7.49 -10.48
N ASP A 191 -12.50 8.59 -10.00
CA ASP A 191 -11.04 8.72 -10.02
C ASP A 191 -10.40 8.51 -8.63
N LEU A 192 -11.21 8.07 -7.68
CA LEU A 192 -10.80 7.90 -6.30
C LEU A 192 -10.04 6.59 -6.07
N LEU A 193 -8.91 6.65 -5.38
CA LEU A 193 -8.34 5.46 -4.76
C LEU A 193 -8.99 5.29 -3.40
N LEU A 194 -9.49 4.10 -3.10
CA LEU A 194 -10.14 3.85 -1.83
C LEU A 194 -9.50 2.64 -1.14
N THR A 195 -9.05 2.84 0.10
CA THR A 195 -8.49 1.74 0.90
C THR A 195 -9.57 1.29 1.86
N SER A 196 -9.55 0.02 2.20
CA SER A 196 -10.57 -0.58 3.02
C SER A 196 -10.01 -1.81 3.73
N SER A 197 -10.88 -2.48 4.48
CA SER A 197 -10.58 -3.81 5.05
C SER A 197 -11.12 -5.00 4.23
N TYR A 198 -11.47 -4.76 2.96
CA TYR A 198 -12.04 -5.79 2.10
C TYR A 198 -11.21 -7.06 2.08
N LEU A 199 -9.90 -6.92 1.92
CA LEU A 199 -8.98 -8.07 1.88
C LEU A 199 -8.56 -8.54 3.27
N SER A 200 -8.84 -7.73 4.30
CA SER A 200 -8.48 -8.04 5.68
C SER A 200 -9.13 -9.35 6.11
N ASP A 201 -10.46 -9.39 6.03
CA ASP A 201 -11.25 -10.64 6.02
C ASP A 201 -10.50 -11.91 5.54
N SER A 202 -9.64 -11.78 4.52
CA SER A 202 -8.77 -12.89 4.12
C SER A 202 -7.65 -13.11 5.16
N GLY A 203 -7.95 -14.03 6.08
CA GLY A 203 -6.97 -14.92 6.71
C GLY A 203 -7.56 -16.27 6.35
N SER A 204 -7.46 -16.62 5.06
CA SER A 204 -8.33 -17.65 4.43
C SER A 204 -7.61 -18.42 3.30
N THR A 205 -8.38 -19.24 2.57
CA THR A 205 -7.83 -20.08 1.48
C THR A 205 -7.48 -19.27 0.22
N GLY A 206 -6.78 -19.90 -0.71
CA GLY A 206 -6.43 -19.28 -1.99
C GLY A 206 -7.61 -19.07 -2.93
N GLU A 207 -8.57 -19.98 -2.87
CA GLU A 207 -9.78 -19.87 -3.67
C GLU A 207 -10.59 -18.65 -3.19
N HIS A 208 -10.61 -18.44 -1.87
CA HIS A 208 -11.35 -17.32 -1.30
C HIS A 208 -10.70 -15.97 -1.63
N THR A 209 -9.37 -15.90 -1.53
CA THR A 209 -8.63 -14.69 -1.89
C THR A 209 -8.78 -14.37 -3.36
N LYS A 210 -8.76 -15.40 -4.19
CA LYS A 210 -9.00 -15.30 -5.61
C LYS A 210 -10.39 -14.72 -5.91
N SER A 211 -11.41 -15.25 -5.27
CA SER A 211 -12.76 -14.78 -5.52
C SER A 211 -12.93 -13.32 -5.08
N LEU A 212 -12.39 -12.96 -3.91
CA LEU A 212 -12.40 -11.54 -3.45
C LEU A 212 -11.76 -10.58 -4.46
N VAL A 213 -10.57 -10.93 -4.92
CA VAL A 213 -9.81 -10.10 -5.86
C VAL A 213 -10.54 -9.94 -7.19
N THR A 214 -11.02 -11.05 -7.76
CA THR A 214 -11.71 -11.04 -9.06
C THR A 214 -13.12 -10.43 -8.96
N GLN A 215 -13.87 -10.74 -7.91
CA GLN A 215 -15.14 -10.04 -7.63
C GLN A 215 -14.93 -8.52 -7.67
N TYR A 216 -13.86 -8.06 -7.01
CA TYR A 216 -13.58 -6.64 -6.91
C TYR A 216 -13.26 -6.00 -8.26
N LEU A 217 -12.32 -6.62 -8.97
CA LEU A 217 -11.92 -6.18 -10.29
C LEU A 217 -13.06 -6.16 -11.30
N ASN A 218 -13.89 -7.21 -11.31
CA ASN A 218 -15.06 -7.25 -12.19
C ASN A 218 -16.09 -6.16 -11.86
N ALA A 219 -16.28 -5.86 -10.58
CA ALA A 219 -17.28 -4.86 -10.16
C ALA A 219 -16.85 -3.45 -10.52
N THR A 220 -15.54 -3.21 -10.57
CA THR A 220 -15.00 -1.88 -10.75
C THR A 220 -14.66 -1.56 -12.22
N GLY A 221 -14.86 -2.54 -13.10
CA GLY A 221 -14.63 -2.37 -14.53
C GLY A 221 -13.15 -2.18 -14.81
N ASN A 222 -12.82 -1.18 -15.63
CA ASN A 222 -11.43 -0.90 -16.04
C ASN A 222 -10.70 0.17 -15.21
N ARG A 223 -11.32 0.58 -14.10
CA ARG A 223 -10.75 1.64 -13.29
C ARG A 223 -9.54 1.13 -12.53
N TRP A 224 -8.69 2.08 -12.14
CA TRP A 224 -7.44 1.77 -11.46
C TRP A 224 -7.68 1.61 -9.94
N CYS A 225 -7.34 0.44 -9.42
CA CYS A 225 -7.63 0.13 -8.03
C CYS A 225 -6.44 0.39 -7.11
N SER A 226 -6.74 0.44 -5.81
CA SER A 226 -5.72 0.30 -4.81
C SER A 226 -5.84 -1.11 -4.23
N TRP A 227 -4.73 -1.59 -3.68
CA TRP A 227 -4.69 -2.83 -2.96
C TRP A 227 -4.03 -2.62 -1.63
N SER A 228 -4.76 -2.93 -0.57
CA SER A 228 -4.31 -2.78 0.78
C SER A 228 -5.07 -3.80 1.66
N LEU A 229 -4.60 -4.01 2.89
CA LEU A 229 -5.39 -4.77 3.87
C LEU A 229 -6.19 -3.91 4.83
N SER A 230 -5.90 -2.61 4.87
CA SER A 230 -6.61 -1.67 5.74
C SER A 230 -6.40 -0.27 5.23
N GLN A 231 -7.14 0.68 5.79
CA GLN A 231 -6.94 2.12 5.52
C GLN A 231 -5.76 2.75 6.32
N ALA A 232 -5.26 2.01 7.31
CA ALA A 232 -4.20 2.49 8.20
C ALA A 232 -3.36 1.39 8.82
N ARG A 233 -3.99 0.34 9.31
CA ARG A 233 -3.33 -0.66 10.12
C ARG A 233 -2.29 -1.50 9.40
N LEU A 234 -1.30 -1.94 10.19
CA LEU A 234 -0.26 -2.86 9.75
C LEU A 234 -0.79 -4.20 9.21
N LEU A 235 -0.07 -4.77 8.25
CA LEU A 235 -0.40 -6.12 7.74
C LEU A 235 -0.43 -7.13 8.86
N THR A 236 0.51 -7.00 9.80
CA THR A 236 0.58 -7.84 11.00
C THR A 236 -0.63 -7.72 11.94
N SER A 237 -1.47 -6.71 11.76
CA SER A 237 -2.74 -6.65 12.50
C SER A 237 -3.70 -7.78 12.12
N PHE A 238 -3.56 -8.26 10.88
CA PHE A 238 -4.49 -9.17 10.21
C PHE A 238 -3.89 -10.53 9.86
N LEU A 239 -2.61 -10.54 9.50
CA LEU A 239 -1.95 -11.75 9.03
C LEU A 239 -0.95 -12.35 10.02
N PRO A 240 -0.93 -13.71 10.13
CA PRO A 240 0.12 -14.38 10.89
C PRO A 240 1.46 -14.22 10.14
N ALA A 241 2.57 -14.36 10.85
CA ALA A 241 3.89 -14.18 10.24
C ALA A 241 4.07 -15.01 8.98
N GLN A 242 3.52 -16.21 9.00
CA GLN A 242 3.69 -17.19 7.94
C GLN A 242 3.15 -16.69 6.59
N LEU A 243 2.28 -15.67 6.61
CA LEU A 243 1.62 -15.14 5.40
C LEU A 243 2.07 -13.80 4.90
N LEU A 244 2.93 -13.12 5.66
CA LEU A 244 3.41 -11.75 5.33
C LEU A 244 4.12 -11.68 3.98
N ARG A 245 4.99 -12.63 3.73
CA ARG A 245 5.70 -12.68 2.47
C ARG A 245 4.78 -12.89 1.30
N LEU A 246 3.84 -13.82 1.46
CA LEU A 246 2.90 -14.13 0.38
C LEU A 246 2.09 -12.89 -0.02
N TYR A 247 1.64 -12.15 0.99
CA TYR A 247 0.81 -10.96 0.76
C TYR A 247 1.64 -9.84 0.17
N GLN A 248 2.90 -9.72 0.56
CA GLN A 248 3.74 -8.74 -0.09
C GLN A 248 3.84 -9.04 -1.59
N LEU A 249 4.06 -10.31 -1.94
CA LEU A 249 4.17 -10.70 -3.34
C LEU A 249 2.86 -10.35 -4.06
N MSE A 250 1.73 -10.80 -3.52
CA MSE A 250 0.43 -10.50 -4.09
C MSE A 250 0.22 -9.01 -4.30
O MSE A 250 -0.09 -8.58 -5.41
CB MSE A 250 -0.70 -11.04 -3.23
CG MSE A 250 -2.00 -11.06 -3.98
SE MSE A 250 -3.47 -11.80 -2.99
CE MSE A 250 -3.62 -10.57 -1.43
N LEU A 251 0.38 -8.20 -3.26
CA LEU A 251 0.08 -6.74 -3.37
C LEU A 251 0.96 -6.00 -4.38
N PHE A 252 2.19 -6.47 -4.53
CA PHE A 252 3.11 -5.87 -5.49
C PHE A 252 2.92 -6.34 -6.94
N THR A 253 2.04 -7.30 -7.15
CA THR A 253 1.77 -7.86 -8.46
C THR A 253 0.30 -7.78 -8.89
N LEU A 254 -0.60 -7.32 -8.04
CA LEU A 254 -1.97 -7.16 -8.45
C LEU A 254 -2.09 -5.86 -9.20
N PRO A 255 -3.07 -5.77 -10.14
CA PRO A 255 -3.22 -4.58 -10.98
C PRO A 255 -3.78 -3.36 -10.23
N GLY A 256 -2.96 -2.32 -10.08
CA GLY A 256 -3.32 -1.21 -9.22
C GLY A 256 -2.19 -0.82 -8.28
N THR A 257 -2.48 0.15 -7.45
CA THR A 257 -1.49 0.75 -6.55
C THR A 257 -1.50 0.07 -5.17
N PRO A 258 -0.35 -0.49 -4.76
CA PRO A 258 -0.32 -1.09 -3.44
C PRO A 258 -0.12 -0.03 -2.36
N VAL A 259 -0.77 -0.20 -1.21
CA VAL A 259 -0.64 0.75 -0.12
C VAL A 259 -0.29 0.02 1.17
N PHE A 260 0.80 0.48 1.76
CA PHE A 260 1.41 -0.08 2.95
C PHE A 260 1.51 1.00 4.00
N SER A 261 1.73 0.57 5.23
CA SER A 261 1.93 1.46 6.35
C SER A 261 3.36 1.25 6.81
N TYR A 262 3.98 2.30 7.37
CA TYR A 262 5.35 2.17 7.80
C TYR A 262 5.55 0.96 8.71
N GLY A 263 6.63 0.22 8.43
CA GLY A 263 6.89 -0.98 9.19
C GLY A 263 6.47 -2.25 8.48
N ASP A 264 5.56 -2.14 7.50
CA ASP A 264 5.12 -3.33 6.74
C ASP A 264 6.31 -4.05 6.10
N GLU A 265 7.27 -3.26 5.68
CA GLU A 265 8.47 -3.77 5.01
C GLU A 265 9.39 -4.62 5.91
N ILE A 266 9.28 -4.44 7.23
CA ILE A 266 10.03 -5.25 8.17
C ILE A 266 9.14 -6.16 9.01
N GLY A 267 7.85 -6.26 8.68
CA GLY A 267 6.97 -7.11 9.46
C GLY A 267 6.76 -6.54 10.85
N LEU A 268 6.80 -5.22 10.96
CA LEU A 268 6.60 -4.58 12.25
C LEU A 268 5.28 -5.05 12.84
N ASP A 269 5.30 -5.51 14.07
CA ASP A 269 4.15 -6.11 14.72
C ASP A 269 3.96 -5.36 16.03
N ALA A 270 2.83 -4.67 16.16
CA ALA A 270 2.56 -3.89 17.37
C ALA A 270 2.53 -4.75 18.64
N ALA A 271 2.12 -6.00 18.52
CA ALA A 271 2.06 -6.91 19.66
C ALA A 271 3.36 -7.69 19.94
N ALA A 272 4.46 -7.38 19.25
CA ALA A 272 5.72 -8.12 19.46
C ALA A 272 6.52 -7.58 20.65
N LEU A 273 6.02 -6.51 21.24
CA LEU A 273 6.75 -5.68 22.19
C LEU A 273 5.72 -5.03 23.15
N PRO A 274 5.87 -5.29 24.47
CA PRO A 274 4.85 -4.79 25.40
C PRO A 274 4.72 -3.27 25.41
N GLY A 275 3.48 -2.79 25.46
CA GLY A 275 3.17 -1.37 25.60
C GLY A 275 3.60 -0.55 24.38
N GLN A 276 2.71 -0.41 23.42
CA GLN A 276 3.09 0.12 22.11
C GLN A 276 1.85 0.26 21.25
N PRO A 277 1.38 1.51 21.00
CA PRO A 277 0.05 1.62 20.40
C PRO A 277 -0.09 0.81 19.11
N MSE A 278 -1.03 -0.13 19.11
CA MSE A 278 -1.54 -0.70 17.87
C MSE A 278 -1.69 0.43 16.86
O MSE A 278 -1.38 0.29 15.67
CB MSE A 278 -2.88 -1.47 18.08
CG MSE A 278 -3.60 -1.34 19.49
SE MSE A 278 -4.75 0.27 19.76
CE MSE A 278 -4.52 0.57 21.74
N GLU A 279 -2.16 1.57 17.36
CA GLU A 279 -2.30 2.80 16.59
C GLU A 279 -0.99 3.14 15.87
N ALA A 280 0.06 3.42 16.64
CA ALA A 280 1.36 3.85 16.10
C ALA A 280 2.56 3.13 16.77
N PRO A 281 2.93 1.96 16.24
CA PRO A 281 4.04 1.26 16.88
C PRO A 281 5.34 1.96 16.56
N VAL A 282 6.31 1.80 17.43
CA VAL A 282 7.60 2.44 17.29
C VAL A 282 8.36 1.73 16.16
N MSE A 283 8.85 2.52 15.22
CA MSE A 283 9.61 1.98 14.09
C MSE A 283 10.97 1.52 14.56
O MSE A 283 11.74 2.26 15.19
CB MSE A 283 9.77 3.03 13.02
CG MSE A 283 10.56 2.57 11.80
SE MSE A 283 9.64 1.12 10.77
CE MSE A 283 10.71 1.26 9.10
N LEU A 284 11.28 0.27 14.22
CA LEU A 284 12.50 -0.36 14.73
C LEU A 284 13.66 -0.19 13.77
N TRP A 285 14.36 0.94 13.88
CA TRP A 285 15.55 1.22 13.02
C TRP A 285 16.71 0.33 13.35
N ASP A 286 16.97 0.20 14.64
CA ASP A 286 18.00 -0.66 15.16
C ASP A 286 17.64 -1.09 16.59
N GLU A 287 18.58 -1.75 17.26
CA GLU A 287 18.33 -2.30 18.59
C GLU A 287 18.25 -1.24 19.67
N SER A 288 18.65 -0.01 19.36
CA SER A 288 18.48 1.11 20.29
C SER A 288 17.13 1.81 20.09
N SER A 289 16.29 1.33 19.16
CA SER A 289 15.02 2.02 18.81
C SER A 289 13.86 1.86 19.78
N PHE A 290 13.99 1.00 20.79
CA PHE A 290 12.93 0.87 21.80
C PHE A 290 13.49 1.05 23.22
N PRO A 291 13.82 2.30 23.59
CA PRO A 291 14.50 2.48 24.88
C PRO A 291 13.63 2.32 26.13
N ASP A 292 12.31 2.16 25.99
CA ASP A 292 11.44 1.90 27.15
C ASP A 292 11.69 0.54 27.81
N ILE A 293 12.03 -0.45 26.98
CA ILE A 293 12.55 -1.71 27.48
C ILE A 293 13.90 -1.95 26.78
N PRO A 294 14.99 -1.45 27.39
CA PRO A 294 16.27 -1.55 26.68
C PRO A 294 16.83 -2.99 26.76
N GLY A 295 17.12 -3.57 25.60
CA GLY A 295 17.57 -4.96 25.52
C GLY A 295 16.61 -5.86 24.76
N ALA A 296 15.34 -5.44 24.62
CA ALA A 296 14.27 -6.31 24.10
C ALA A 296 14.30 -6.47 22.58
N VAL A 297 14.74 -5.43 21.85
CA VAL A 297 14.73 -5.48 20.40
C VAL A 297 15.96 -6.24 19.90
N SER A 298 15.74 -7.23 19.05
CA SER A 298 16.81 -8.04 18.50
C SER A 298 17.05 -7.65 17.04
N ALA A 299 18.21 -7.94 16.51
CA ALA A 299 18.64 -7.41 15.21
C ALA A 299 17.63 -7.73 14.11
N ASN A 300 17.09 -8.93 14.18
CA ASN A 300 16.21 -9.43 13.12
C ASN A 300 14.87 -8.71 13.05
N MSE A 301 14.54 -7.93 14.08
CA MSE A 301 13.32 -7.13 14.09
C MSE A 301 13.53 -5.74 13.49
O MSE A 301 12.57 -4.99 13.33
CB MSE A 301 12.77 -6.98 15.52
CG MSE A 301 12.39 -8.29 16.18
SE MSE A 301 12.03 -8.08 18.08
CE MSE A 301 10.45 -6.91 17.98
N THR A 302 14.77 -5.40 13.12
CA THR A 302 15.14 -4.04 12.73
C THR A 302 15.44 -3.84 11.26
N VAL A 303 15.34 -2.59 10.82
CA VAL A 303 15.79 -2.21 9.50
C VAL A 303 17.26 -2.52 9.29
N LYS A 304 18.08 -2.16 10.26
CA LYS A 304 19.51 -2.36 10.14
C LYS A 304 19.84 -3.86 10.01
N GLY A 305 19.27 -4.69 10.88
CA GLY A 305 19.49 -6.15 10.80
C GLY A 305 18.92 -6.75 9.53
N GLN A 306 17.70 -6.35 9.16
CA GLN A 306 17.09 -6.92 7.96
C GLN A 306 17.80 -6.50 6.64
N SER A 307 18.37 -5.29 6.57
CA SER A 307 19.06 -4.81 5.37
C SER A 307 20.24 -5.65 5.03
N GLU A 308 20.90 -6.20 6.06
CA GLU A 308 22.13 -6.95 5.86
C GLU A 308 21.87 -8.43 5.54
N ASP A 309 20.60 -8.83 5.63
CA ASP A 309 20.15 -10.20 5.41
C ASP A 309 19.37 -10.30 4.09
N PRO A 310 19.97 -10.92 3.07
CA PRO A 310 19.23 -11.10 1.82
C PRO A 310 17.94 -11.90 1.99
N GLY A 311 17.82 -12.67 3.06
CA GLY A 311 16.63 -13.49 3.31
C GLY A 311 15.49 -12.77 4.00
N SER A 312 15.69 -11.51 4.38
CA SER A 312 14.71 -10.77 5.19
C SER A 312 13.46 -10.31 4.44
N LEU A 313 12.46 -9.94 5.22
CA LEU A 313 11.26 -9.34 4.70
C LEU A 313 11.57 -8.02 3.97
N LEU A 314 12.45 -7.22 4.56
CA LEU A 314 12.86 -5.97 3.96
C LEU A 314 13.50 -6.19 2.59
N SER A 315 14.38 -7.21 2.48
CA SER A 315 15.08 -7.51 1.21
C SER A 315 14.04 -7.94 0.16
N LEU A 316 13.05 -8.75 0.57
CA LEU A 316 11.95 -9.11 -0.30
C LEU A 316 11.16 -7.89 -0.74
N PHE A 317 10.82 -7.04 0.21
CA PHE A 317 10.05 -5.84 -0.10
C PHE A 317 10.78 -4.96 -1.13
N ARG A 318 12.08 -4.71 -0.93
CA ARG A 318 12.84 -3.94 -1.87
C ARG A 318 12.87 -4.56 -3.27
N ARG A 319 12.98 -5.89 -3.36
CA ARG A 319 13.08 -6.52 -4.69
C ARG A 319 11.75 -6.48 -5.40
N LEU A 320 10.69 -6.69 -4.65
CA LEU A 320 9.35 -6.64 -5.21
C LEU A 320 8.98 -5.22 -5.66
N SER A 321 9.34 -4.22 -4.84
CA SER A 321 9.11 -2.82 -5.17
C SER A 321 9.85 -2.41 -6.45
N ASP A 322 11.12 -2.76 -6.54
CA ASP A 322 11.89 -2.61 -7.76
C ASP A 322 11.21 -3.19 -9.04
N GLN A 323 10.80 -4.44 -9.00
CA GLN A 323 10.06 -5.07 -10.12
C GLN A 323 8.79 -4.30 -10.46
N ARG A 324 8.04 -3.95 -9.43
CA ARG A 324 6.75 -3.30 -9.60
C ARG A 324 6.84 -1.92 -10.23
N SER A 325 7.95 -1.21 -10.00
CA SER A 325 8.12 0.12 -10.50
C SER A 325 8.90 0.20 -11.82
N LYS A 326 9.38 -0.92 -12.33
CA LYS A 326 10.13 -0.88 -13.57
C LYS A 326 9.57 -1.77 -14.72
N GLU A 327 8.81 -2.81 -14.40
CA GLU A 327 8.39 -3.76 -15.44
C GLU A 327 7.02 -3.38 -15.93
N ARG A 328 6.90 -3.17 -17.25
CA ARG A 328 5.65 -2.74 -17.85
C ARG A 328 4.43 -3.63 -17.58
N SER A 329 4.63 -4.95 -17.57
CA SER A 329 3.52 -5.87 -17.28
C SER A 329 3.02 -5.72 -15.84
N LEU A 330 3.90 -5.27 -14.94
CA LEU A 330 3.50 -4.98 -13.55
C LEU A 330 2.98 -3.57 -13.38
N LEU A 331 3.55 -2.63 -14.14
CA LEU A 331 3.11 -1.22 -14.11
C LEU A 331 1.70 -1.06 -14.66
N HIS A 332 1.42 -1.71 -15.80
CA HIS A 332 0.13 -1.55 -16.46
C HIS A 332 -0.34 -2.73 -17.32
N GLY A 333 0.08 -3.94 -16.97
CA GLY A 333 -0.35 -5.09 -17.74
C GLY A 333 -1.76 -5.49 -17.35
N ASP A 334 -2.42 -6.22 -18.23
CA ASP A 334 -3.66 -6.92 -17.91
C ASP A 334 -3.37 -7.94 -16.83
N PHE A 335 -4.45 -8.45 -16.23
CA PHE A 335 -4.45 -9.48 -15.19
C PHE A 335 -5.40 -10.59 -15.63
N HIS A 336 -4.93 -11.84 -15.61
CA HIS A 336 -5.81 -13.00 -15.83
C HIS A 336 -5.53 -14.04 -14.77
N ALA A 337 -6.55 -14.37 -13.99
CA ALA A 337 -6.42 -15.39 -12.95
C ALA A 337 -6.88 -16.67 -13.58
N PHE A 338 -6.33 -17.79 -13.18
CA PHE A 338 -6.78 -19.04 -13.77
C PHE A 338 -6.87 -20.15 -12.75
N SER A 339 -7.37 -21.29 -13.18
CA SER A 339 -7.60 -22.43 -12.29
C SER A 339 -6.27 -23.11 -11.90
N ALA A 340 -6.03 -23.20 -10.59
CA ALA A 340 -4.91 -23.97 -10.05
C ALA A 340 -5.44 -24.99 -9.04
N GLY A 341 -4.54 -25.66 -8.32
CA GLY A 341 -4.92 -26.63 -7.28
C GLY A 341 -5.60 -26.02 -6.05
N PRO A 342 -5.91 -26.85 -5.05
CA PRO A 342 -6.74 -26.52 -3.86
C PRO A 342 -6.48 -25.21 -3.11
N GLY A 343 -5.32 -25.04 -2.51
CA GLY A 343 -5.04 -23.82 -1.73
C GLY A 343 -4.35 -22.69 -2.51
N LEU A 344 -4.43 -22.73 -3.84
CA LEU A 344 -3.62 -21.86 -4.68
C LEU A 344 -4.39 -20.74 -5.32
N PHE A 345 -3.68 -19.64 -5.54
CA PHE A 345 -4.19 -18.49 -6.28
C PHE A 345 -3.09 -18.15 -7.26
N SER A 346 -3.40 -18.31 -8.54
CA SER A 346 -2.43 -18.06 -9.61
C SER A 346 -2.96 -17.13 -10.68
N TYR A 347 -2.11 -16.20 -11.12
CA TYR A 347 -2.42 -15.27 -12.21
C TYR A 347 -1.21 -14.80 -13.03
N ILE A 348 -1.49 -14.23 -14.21
CA ILE A 348 -0.48 -13.60 -15.04
C ILE A 348 -0.75 -12.11 -15.21
N ARG A 349 0.33 -11.35 -15.26
CA ARG A 349 0.36 -9.94 -15.62
C ARG A 349 1.05 -9.81 -16.97
N HIS A 350 0.43 -9.14 -17.92
CA HIS A 350 1.00 -9.08 -19.28
C HIS A 350 0.61 -7.78 -20.00
N TRP A 351 1.62 -7.13 -20.58
CA TRP A 351 1.43 -5.92 -21.33
C TRP A 351 2.09 -6.11 -22.66
N ASP A 352 1.29 -5.98 -23.70
CA ASP A 352 1.72 -6.01 -25.10
C ASP A 352 2.71 -7.16 -25.35
N GLN A 353 3.94 -6.88 -25.76
CA GLN A 353 4.93 -7.91 -26.00
C GLN A 353 6.03 -7.90 -24.94
N ASN A 354 5.77 -7.19 -23.85
CA ASN A 354 6.69 -7.20 -22.73
C ASN A 354 6.67 -8.47 -21.92
N GLU A 355 7.75 -8.68 -21.20
CA GLU A 355 7.96 -9.86 -20.34
C GLU A 355 6.76 -10.05 -19.45
N ARG A 356 6.23 -11.26 -19.45
CA ARG A 356 5.06 -11.58 -18.66
C ARG A 356 5.52 -12.06 -17.30
N PHE A 357 4.65 -11.87 -16.30
CA PHE A 357 4.90 -12.38 -14.94
C PHE A 357 3.79 -13.34 -14.54
N LEU A 358 4.17 -14.52 -14.05
CA LEU A 358 3.27 -15.52 -13.50
C LEU A 358 3.51 -15.53 -12.01
N VAL A 359 2.44 -15.36 -11.24
CA VAL A 359 2.46 -15.38 -9.80
C VAL A 359 1.67 -16.61 -9.36
N VAL A 360 2.27 -17.43 -8.50
CA VAL A 360 1.60 -18.61 -7.95
C VAL A 360 1.69 -18.56 -6.42
N LEU A 361 0.54 -18.50 -5.76
CA LEU A 361 0.50 -18.27 -4.30
C LEU A 361 -0.16 -19.46 -3.61
N ASN A 362 0.57 -20.14 -2.72
CA ASN A 362 -0.01 -21.18 -1.84
C ASN A 362 -0.39 -20.63 -0.48
N PHE A 363 -1.68 -20.41 -0.26
CA PHE A 363 -2.14 -19.90 1.02
C PHE A 363 -2.21 -20.97 2.12
N GLY A 364 -2.10 -22.25 1.73
CA GLY A 364 -2.29 -23.36 2.65
C GLY A 364 -1.05 -23.82 3.40
N ASP A 365 -1.28 -24.57 4.47
CA ASP A 365 -0.17 -25.02 5.30
C ASP A 365 0.31 -26.42 4.90
N VAL A 366 -0.06 -26.87 3.71
CA VAL A 366 0.47 -28.09 3.12
C VAL A 366 1.19 -27.77 1.80
N GLY A 367 2.26 -28.51 1.51
CA GLY A 367 2.87 -28.50 0.19
C GLY A 367 1.85 -28.92 -0.86
N LEU A 368 1.91 -28.30 -2.04
CA LEU A 368 0.88 -28.48 -3.05
C LEU A 368 1.46 -28.53 -4.44
N SER A 369 0.94 -29.43 -5.25
CA SER A 369 1.14 -29.37 -6.69
C SER A 369 0.31 -28.24 -7.23
N ALA A 370 0.90 -27.39 -8.07
CA ALA A 370 0.22 -26.22 -8.59
C ALA A 370 -0.91 -26.59 -9.54
N GLY A 371 -0.69 -27.60 -10.39
CA GLY A 371 -1.71 -28.05 -11.34
C GLY A 371 -2.35 -26.87 -12.06
N LEU A 372 -1.51 -26.03 -12.66
CA LEU A 372 -1.95 -24.84 -13.38
C LEU A 372 -2.74 -25.26 -14.61
N GLN A 373 -3.99 -24.79 -14.69
CA GLN A 373 -4.87 -25.05 -15.82
C GLN A 373 -5.22 -23.71 -16.47
N ALA A 374 -4.54 -23.38 -17.57
CA ALA A 374 -4.83 -22.14 -18.30
C ALA A 374 -6.13 -22.27 -19.09
N SER A 375 -6.05 -22.74 -20.34
CA SER A 375 -7.25 -23.02 -21.16
C SER A 375 -8.08 -21.77 -21.58
N ASP A 376 -8.29 -20.83 -20.66
CA ASP A 376 -9.07 -19.61 -20.94
C ASP A 376 -8.19 -18.34 -21.04
N LEU A 377 -6.89 -18.47 -20.77
CA LEU A 377 -5.91 -17.42 -21.05
C LEU A 377 -5.95 -16.93 -22.51
N PRO A 378 -5.62 -15.64 -22.75
CA PRO A 378 -5.49 -15.19 -24.13
C PRO A 378 -4.28 -15.85 -24.79
N ALA A 379 -4.36 -16.07 -26.10
CA ALA A 379 -3.33 -16.79 -26.84
C ALA A 379 -1.96 -16.07 -26.80
N SER A 380 -2.00 -14.75 -26.86
CA SER A 380 -0.78 -13.94 -26.86
C SER A 380 0.00 -14.04 -25.55
N ALA A 381 -0.68 -14.39 -24.46
CA ALA A 381 -0.03 -14.54 -23.15
C ALA A 381 -0.02 -15.98 -22.62
N SER A 382 -0.37 -16.97 -23.43
CA SER A 382 -0.48 -18.36 -22.95
C SER A 382 0.79 -18.82 -22.22
N LEU A 383 0.65 -19.91 -21.47
CA LEU A 383 1.77 -20.44 -20.66
C LEU A 383 2.78 -21.23 -21.45
N PRO A 384 4.07 -20.93 -21.27
CA PRO A 384 5.10 -21.73 -21.92
C PRO A 384 5.35 -23.00 -21.09
N ALA A 385 6.13 -23.92 -21.63
CA ALA A 385 6.51 -25.15 -20.91
C ALA A 385 7.33 -24.86 -19.67
N LYS A 386 8.24 -23.88 -19.78
CA LYS A 386 9.06 -23.46 -18.65
C LYS A 386 9.12 -21.97 -18.59
N ALA A 387 9.22 -21.43 -17.38
CA ALA A 387 9.46 -20.02 -17.16
C ALA A 387 10.61 -19.85 -16.19
N ASP A 388 11.31 -18.74 -16.27
CA ASP A 388 12.39 -18.46 -15.36
C ASP A 388 11.91 -18.00 -14.02
N LEU A 389 12.47 -18.59 -12.96
CA LEU A 389 12.15 -18.16 -11.62
C LEU A 389 12.87 -16.85 -11.31
N LEU A 390 12.10 -15.83 -10.98
CA LEU A 390 12.67 -14.56 -10.58
C LEU A 390 12.86 -14.61 -9.06
N LEU A 391 11.83 -14.95 -8.33
CA LEU A 391 12.01 -15.20 -6.93
C LEU A 391 10.91 -16.03 -6.28
N SER A 392 11.25 -16.66 -5.15
CA SER A 392 10.31 -17.29 -4.28
C SER A 392 10.40 -16.56 -2.94
N THR A 393 9.32 -16.64 -2.15
CA THR A 393 9.31 -16.08 -0.80
C THR A 393 10.11 -16.96 0.19
N GLN A 394 10.52 -18.15 -0.25
CA GLN A 394 11.26 -19.07 0.59
C GLN A 394 12.54 -19.49 -0.09
N PRO A 395 13.58 -19.87 0.70
CA PRO A 395 14.84 -20.34 0.09
C PRO A 395 14.76 -21.74 -0.46
N GLY A 396 15.79 -22.09 -1.22
CA GLY A 396 16.00 -23.46 -1.70
C GLY A 396 15.80 -23.61 -3.19
N ARG A 397 15.30 -22.56 -3.84
CA ARG A 397 15.14 -22.54 -5.29
C ARG A 397 16.35 -21.88 -5.96
N GLU A 398 16.63 -22.24 -7.20
CA GLU A 398 17.65 -21.58 -8.00
C GLU A 398 16.99 -20.45 -8.77
N GLU A 399 17.14 -19.23 -8.24
CA GLU A 399 16.55 -18.08 -8.88
C GLU A 399 17.35 -17.80 -10.16
N GLY A 400 16.66 -17.40 -11.21
CA GLY A 400 17.29 -17.20 -12.51
C GLY A 400 17.27 -18.39 -13.42
N SER A 401 16.79 -19.54 -12.96
CA SER A 401 16.73 -20.73 -13.81
C SER A 401 15.29 -21.12 -14.05
N PRO A 402 15.01 -21.79 -15.19
CA PRO A 402 13.64 -22.12 -15.60
C PRO A 402 12.99 -23.29 -14.87
N LEU A 403 11.73 -23.13 -14.47
CA LEU A 403 10.95 -24.21 -13.88
C LEU A 403 9.96 -24.75 -14.91
N GLU A 404 9.83 -26.08 -14.96
CA GLU A 404 8.84 -26.72 -15.80
C GLU A 404 7.47 -26.53 -15.12
N LEU A 405 6.59 -25.78 -15.77
CA LEU A 405 5.32 -25.38 -15.15
C LEU A 405 4.39 -26.57 -14.79
N GLU A 406 4.43 -27.62 -15.61
CA GLU A 406 3.59 -28.80 -15.36
C GLU A 406 3.95 -29.54 -14.08
N ARG A 407 5.22 -29.47 -13.67
CA ARG A 407 5.72 -30.14 -12.48
C ARG A 407 5.79 -29.20 -11.27
N LEU A 408 5.24 -28.00 -11.39
CA LEU A 408 5.36 -27.02 -10.33
C LEU A 408 4.72 -27.53 -9.04
N LYS A 409 5.47 -27.43 -7.95
CA LYS A 409 5.01 -27.82 -6.63
C LYS A 409 5.43 -26.72 -5.65
N LEU A 410 4.51 -26.29 -4.79
CA LEU A 410 4.81 -25.23 -3.80
C LEU A 410 4.90 -25.78 -2.37
N GLU A 411 5.81 -25.21 -1.58
CA GLU A 411 5.91 -25.51 -0.14
C GLU A 411 4.78 -24.79 0.59
N PRO A 412 4.48 -25.19 1.84
CA PRO A 412 3.46 -24.46 2.61
C PRO A 412 3.69 -22.94 2.59
N HIS A 413 2.66 -22.16 2.26
CA HIS A 413 2.76 -20.71 2.34
C HIS A 413 3.74 -20.09 1.31
N GLU A 414 4.23 -20.86 0.34
CA GLU A 414 5.24 -20.33 -0.56
C GLU A 414 4.57 -19.55 -1.68
N GLY A 415 5.15 -18.39 -2.03
CA GLY A 415 4.78 -17.61 -3.21
C GLY A 415 5.88 -17.62 -4.26
N LEU A 416 5.53 -17.84 -5.52
CA LEU A 416 6.51 -17.81 -6.61
C LEU A 416 6.19 -16.68 -7.59
N LEU A 417 7.25 -16.01 -8.06
CA LEU A 417 7.20 -15.03 -9.12
C LEU A 417 8.08 -15.52 -10.28
N LEU A 418 7.42 -15.87 -11.39
CA LEU A 418 8.10 -16.36 -12.57
C LEU A 418 7.88 -15.40 -13.71
N ARG A 419 8.78 -15.39 -14.67
CA ARG A 419 8.61 -14.58 -15.85
C ARG A 419 8.96 -15.31 -17.12
N PHE A 420 8.31 -14.88 -18.20
CA PHE A 420 8.54 -15.44 -19.52
C PHE A 420 8.31 -14.40 -20.61
N PRO A 421 9.02 -14.53 -21.73
CA PRO A 421 8.86 -13.58 -22.82
C PRO A 421 7.59 -13.77 -23.62
N TYR A 422 7.19 -12.73 -24.32
CA TYR A 422 6.25 -12.85 -25.43
C TYR A 422 6.74 -13.91 -26.42
N ALA A 423 5.77 -14.63 -27.00
CA ALA A 423 6.01 -15.73 -27.96
C ALA A 423 6.79 -16.88 -27.29
N ALA A 424 7.52 -17.67 -28.07
CA ALA A 424 8.21 -18.86 -27.54
C ALA A 424 7.99 -19.08 -26.02
C ACT B . 11.90 6.42 -5.20
O ACT B . 11.28 6.04 -6.23
OXT ACT B . 13.02 7.02 -5.32
CH3 ACT B . 11.34 6.17 -3.85
#